data_8GVV
#
_entry.id   8GVV
#
_cell.length_a   80.382
_cell.length_b   56.433
_cell.length_c   72.099
_cell.angle_alpha   90.000
_cell.angle_beta   111.900
_cell.angle_gamma   90.000
#
_symmetry.space_group_name_H-M   'C 1 2 1'
#
loop_
_entity.id
_entity.type
_entity.pdbx_description
1 polymer 'Tyrosine-protein phosphatase non-receptor type 21'
2 non-polymer 'PHOSPHATE ION'
3 non-polymer 'IODIDE ION'
4 water water
#
_entity_poly.entity_id   1
_entity_poly.type   'polypeptide(L)'
_entity_poly.pdbx_seq_one_letter_code
;TRATNDERCKILEQRLEQGMVFTEYERILKKRLVDGECSTARLPENAERNRFQDVLPYDDVRVELVPTKENNTGYINASH
IKVSVSGIEWDYIATQGPLQNTCQDFWQMVWEQGIAIIAMVTAEEEGGREKSFRYWPRLGSRHNTVTYGRFKITTRFRTD
SGCYATTGLKMKHLLTGQERTVWHLQYTDWPEHGCPEDLKGFLSYLEEIQSVRRHTNSTSDPQSPNPPLLVHSSAGVGRT
GVVILSEIMIACLEHNEVLDIPRVLDMLRQQRMMLVQTLCQYTFVYRVLIQFLKSSRLI
;
_entity_poly.pdbx_strand_id   A
#
# COMPACT_ATOMS: atom_id res chain seq x y z
N ALA A 3 20.80 -2.57 22.77
CA ALA A 3 20.14 -3.91 22.82
C ALA A 3 18.81 -3.82 23.57
N THR A 4 18.28 -2.61 23.73
CA THR A 4 16.94 -2.44 24.36
C THR A 4 15.92 -3.12 23.44
N ASN A 5 16.34 -3.46 22.21
CA ASN A 5 15.41 -4.22 21.40
C ASN A 5 15.07 -5.57 22.01
N ASP A 6 15.95 -6.09 22.88
CA ASP A 6 15.67 -7.38 23.49
C ASP A 6 14.45 -7.30 24.40
N GLU A 7 14.32 -6.23 25.17
CA GLU A 7 13.14 -6.06 26.02
C GLU A 7 11.89 -5.93 25.18
N ARG A 8 11.99 -5.27 24.02
CA ARG A 8 10.83 -5.16 23.13
C ARG A 8 10.43 -6.51 22.58
N CYS A 9 11.41 -7.35 22.25
CA CYS A 9 11.12 -8.63 21.60
C CYS A 9 10.45 -9.60 22.57
N LYS A 10 10.92 -9.63 23.82
CA LYS A 10 10.26 -10.41 24.86
C LYS A 10 8.83 -9.97 25.07
N ILE A 11 8.60 -8.66 25.21
CA ILE A 11 7.24 -8.16 25.41
C ILE A 11 6.35 -8.61 24.25
N LEU A 12 6.84 -8.46 23.02
CA LEU A 12 6.05 -8.84 21.85
C LEU A 12 5.80 -10.35 21.82
N GLU A 13 6.84 -11.16 22.08
CA GLU A 13 6.65 -12.60 22.06
C GLU A 13 5.68 -13.05 23.14
N GLN A 14 5.79 -12.48 24.35
CA GLN A 14 4.88 -12.84 25.43
C GLN A 14 3.44 -12.49 25.08
N ARG A 15 3.20 -11.24 24.66
CA ARG A 15 1.86 -10.84 24.26
C ARG A 15 1.28 -11.79 23.21
N LEU A 16 2.07 -12.18 22.21
CA LEU A 16 1.61 -13.13 21.22
C LEU A 16 1.37 -14.50 21.85
N GLU A 17 2.36 -15.00 22.61
CA GLU A 17 2.28 -16.36 23.16
C GLU A 17 1.06 -16.55 24.05
N GLN A 18 0.73 -15.52 24.83
CA GLN A 18 -0.39 -15.59 25.79
C GLN A 18 -1.73 -15.23 25.11
N GLY A 19 -1.70 -14.90 23.82
CA GLY A 19 -2.93 -14.56 23.13
C GLY A 19 -3.58 -13.29 23.62
N MET A 20 -2.78 -12.28 23.99
CA MET A 20 -3.26 -10.95 24.31
C MET A 20 -3.30 -10.02 23.11
N VAL A 21 -2.93 -10.52 21.93
CA VAL A 21 -2.94 -9.65 20.76
C VAL A 21 -4.37 -9.33 20.36
N PHE A 22 -5.28 -10.31 20.48
CA PHE A 22 -6.66 -10.12 20.01
C PHE A 22 -7.33 -8.94 20.72
N THR A 23 -7.27 -8.92 22.05
CA THR A 23 -7.93 -7.85 22.81
C THR A 23 -7.47 -6.49 22.33
N GLU A 24 -6.17 -6.36 22.10
CA GLU A 24 -5.60 -5.12 21.62
C GLU A 24 -6.14 -4.77 20.24
N TYR A 25 -6.21 -5.77 19.35
CA TYR A 25 -6.67 -5.53 17.98
C TYR A 25 -8.15 -5.17 17.92
N GLU A 26 -8.99 -5.88 18.66
CA GLU A 26 -10.43 -5.68 18.45
C GLU A 26 -10.91 -4.38 19.05
N ARG A 27 -10.13 -3.76 19.93
CA ARG A 27 -10.47 -2.46 20.48
C ARG A 27 -10.16 -1.30 19.53
N ILE A 28 -9.42 -1.52 18.44
CA ILE A 28 -9.06 -0.42 17.55
C ILE A 28 -10.22 -0.12 16.61
N LEU A 29 -10.66 1.14 16.58
CA LEU A 29 -11.76 1.51 15.70
C LEU A 29 -11.38 1.31 14.25
N LYS A 30 -12.35 0.89 13.43
CA LYS A 30 -12.06 0.61 12.02
C LYS A 30 -12.00 1.87 11.18
N LYS A 31 -12.65 2.95 11.59
CA LYS A 31 -12.70 4.15 10.77
C LYS A 31 -12.92 5.36 11.66
N ARG A 32 -12.77 6.53 11.05
CA ARG A 32 -12.97 7.80 11.73
C ARG A 32 -14.31 7.86 12.44
N LEU A 33 -14.32 8.55 13.58
CA LEU A 33 -15.56 8.86 14.28
C LEU A 33 -16.21 10.14 13.75
N VAL A 34 -15.41 11.16 13.43
CA VAL A 34 -15.92 12.43 12.97
C VAL A 34 -15.10 12.89 11.78
N ASP A 35 -15.68 13.81 11.00
CA ASP A 35 -15.11 14.23 9.71
C ASP A 35 -14.78 13.04 8.85
N GLY A 36 -15.65 12.02 8.90
CA GLY A 36 -15.40 10.80 8.16
C GLY A 36 -16.19 10.76 6.88
N GLU A 37 -16.55 11.95 6.39
CA GLU A 37 -17.30 12.05 5.16
C GLU A 37 -16.49 11.55 3.97
N CYS A 38 -17.13 10.70 3.17
CA CYS A 38 -16.61 10.24 1.89
C CYS A 38 -17.56 10.64 0.77
N SER A 39 -18.02 11.89 0.80
CA SER A 39 -19.11 12.31 -0.09
C SER A 39 -18.72 12.22 -1.57
N THR A 40 -17.52 12.66 -1.93
CA THR A 40 -17.09 12.52 -3.32
C THR A 40 -17.07 11.06 -3.76
N ALA A 41 -16.49 10.18 -2.93
CA ALA A 41 -16.48 8.76 -3.22
C ALA A 41 -17.90 8.19 -3.39
N ARG A 42 -18.88 8.75 -2.68
CA ARG A 42 -20.26 8.24 -2.71
C ARG A 42 -21.10 8.84 -3.84
N LEU A 43 -20.56 9.72 -4.66
CA LEU A 43 -21.34 10.32 -5.73
C LEU A 43 -21.77 9.23 -6.71
N PRO A 44 -23.01 9.25 -7.20
CA PRO A 44 -23.41 8.28 -8.22
C PRO A 44 -22.44 8.21 -9.38
N GLU A 45 -21.89 9.36 -9.80
CA GLU A 45 -20.97 9.36 -10.93
C GLU A 45 -19.72 8.55 -10.68
N ASN A 46 -19.38 8.29 -9.41
CA ASN A 46 -18.15 7.59 -9.05
C ASN A 46 -18.39 6.15 -8.63
N ALA A 47 -19.62 5.66 -8.74
CA ALA A 47 -19.95 4.32 -8.26
C ALA A 47 -19.15 3.26 -8.99
N GLU A 48 -18.99 3.40 -10.31
CA GLU A 48 -18.21 2.43 -11.05
C GLU A 48 -16.72 2.46 -10.70
N ARG A 49 -16.25 3.49 -9.99
CA ARG A 49 -14.83 3.63 -9.67
C ARG A 49 -14.46 3.00 -8.35
N ASN A 50 -15.43 2.46 -7.62
CA ASN A 50 -15.18 1.81 -6.34
C ASN A 50 -15.40 0.31 -6.48
N ARG A 51 -14.41 -0.45 -6.02
CA ARG A 51 -14.55 -1.90 -5.98
C ARG A 51 -15.60 -2.32 -4.95
N PHE A 52 -15.70 -1.58 -3.84
CA PHE A 52 -16.69 -1.85 -2.79
C PHE A 52 -17.31 -0.54 -2.34
N GLN A 53 -18.64 -0.47 -2.33
CA GLN A 53 -19.23 0.84 -2.04
C GLN A 53 -19.03 1.25 -0.57
N ASP A 54 -18.47 0.38 0.27
CA ASP A 54 -18.25 0.74 1.68
C ASP A 54 -16.78 0.92 2.03
N VAL A 55 -15.85 0.69 1.09
CA VAL A 55 -14.42 0.90 1.29
C VAL A 55 -14.03 2.13 0.47
N LEU A 56 -13.91 3.27 1.13
CA LEU A 56 -13.88 4.57 0.46
C LEU A 56 -12.81 5.47 1.05
N PRO A 57 -12.24 6.37 0.26
CA PRO A 57 -11.32 7.36 0.84
C PRO A 57 -12.10 8.51 1.46
N TYR A 58 -11.57 9.06 2.56
CA TYR A 58 -12.15 10.24 3.16
C TYR A 58 -11.96 11.45 2.25
N ASP A 59 -12.90 12.38 2.32
CA ASP A 59 -12.85 13.56 1.45
C ASP A 59 -11.56 14.35 1.61
N ASP A 60 -11.10 14.56 2.85
CA ASP A 60 -9.97 15.49 3.03
C ASP A 60 -8.61 14.87 2.77
N VAL A 61 -8.51 13.56 2.47
CA VAL A 61 -7.21 12.98 2.14
C VAL A 61 -7.27 12.16 0.86
N ARG A 62 -8.40 12.18 0.14
CA ARG A 62 -8.44 11.46 -1.12
C ARG A 62 -7.42 12.08 -2.09
N VAL A 63 -6.87 11.25 -2.96
CA VAL A 63 -5.93 11.76 -3.96
C VAL A 63 -6.77 12.45 -5.05
N GLU A 64 -6.58 13.75 -5.22
CA GLU A 64 -7.35 14.50 -6.21
C GLU A 64 -6.58 14.56 -7.52
N LEU A 65 -7.15 13.94 -8.56
CA LEU A 65 -6.62 14.07 -9.91
C LEU A 65 -7.04 15.41 -10.50
N VAL A 66 -6.18 15.96 -11.36
CA VAL A 66 -6.64 17.14 -12.10
C VAL A 66 -7.92 16.78 -12.84
N PRO A 67 -9.00 17.55 -12.71
CA PRO A 67 -10.26 17.14 -13.36
C PRO A 67 -10.10 17.02 -14.88
N THR A 68 -10.75 15.99 -15.42
CA THR A 68 -10.69 15.73 -16.85
C THR A 68 -12.11 15.56 -17.40
N LYS A 69 -12.20 15.59 -18.73
CA LYS A 69 -13.46 15.35 -19.44
C LYS A 69 -14.15 14.08 -18.94
N GLU A 70 -13.40 12.99 -18.84
CA GLU A 70 -13.93 11.70 -18.47
C GLU A 70 -14.16 11.54 -16.98
N ASN A 71 -13.61 12.44 -16.15
CA ASN A 71 -13.59 12.26 -14.69
C ASN A 71 -13.58 13.68 -14.10
N ASN A 72 -14.78 14.25 -14.03
CA ASN A 72 -14.92 15.67 -13.66
C ASN A 72 -14.46 15.92 -12.22
N THR A 73 -14.77 15.01 -11.28
CA THR A 73 -14.30 15.17 -9.91
C THR A 73 -12.86 14.72 -9.72
N GLY A 74 -12.22 14.19 -10.77
CA GLY A 74 -10.85 13.68 -10.62
C GLY A 74 -10.78 12.65 -9.51
N TYR A 75 -11.72 11.71 -9.51
CA TYR A 75 -11.88 10.78 -8.39
C TYR A 75 -11.14 9.48 -8.68
N ILE A 76 -10.37 9.01 -7.69
CA ILE A 76 -9.84 7.67 -7.65
C ILE A 76 -9.95 7.18 -6.21
N ASN A 77 -10.23 5.88 -6.03
CA ASN A 77 -10.27 5.29 -4.69
C ASN A 77 -8.84 5.10 -4.20
N ALA A 78 -8.30 6.16 -3.62
CA ALA A 78 -6.92 6.23 -3.19
C ALA A 78 -6.83 7.30 -2.13
N SER A 79 -5.98 7.07 -1.13
CA SER A 79 -5.87 7.93 0.04
C SER A 79 -4.41 8.33 0.25
N HIS A 80 -4.16 9.61 0.52
CA HIS A 80 -2.88 10.04 1.04
C HIS A 80 -2.73 9.57 2.48
N ILE A 81 -1.61 8.92 2.79
CA ILE A 81 -1.31 8.48 4.15
C ILE A 81 0.01 9.14 4.55
N LYS A 82 -0.07 10.13 5.42
CA LYS A 82 1.09 10.83 5.94
C LYS A 82 1.10 10.62 7.44
N VAL A 83 2.12 9.92 7.95
CA VAL A 83 2.26 9.73 9.38
C VAL A 83 3.62 10.23 9.81
N SER A 84 3.68 10.76 11.03
CA SER A 84 4.94 11.06 11.71
C SER A 84 5.01 10.15 12.93
N VAL A 85 5.98 9.25 12.94
CA VAL A 85 6.11 8.25 13.99
C VAL A 85 7.59 8.15 14.34
N SER A 86 7.93 8.56 15.57
CA SER A 86 9.32 8.58 16.04
C SER A 86 10.20 9.42 15.12
N GLY A 87 9.76 10.66 14.86
CA GLY A 87 10.53 11.60 14.09
C GLY A 87 10.59 11.35 12.60
N ILE A 88 10.02 10.25 12.12
CA ILE A 88 10.02 9.90 10.69
C ILE A 88 8.71 10.36 10.08
N GLU A 89 8.82 11.14 9.00
CA GLU A 89 7.61 11.57 8.25
C GLU A 89 7.38 10.55 7.11
N TRP A 90 6.35 9.71 7.24
CA TRP A 90 6.04 8.70 6.24
C TRP A 90 5.05 9.24 5.24
N ASP A 91 5.24 8.92 3.97
CA ASP A 91 4.35 9.38 2.90
C ASP A 91 4.03 8.22 1.99
N TYR A 92 2.75 7.82 1.98
CA TYR A 92 2.24 6.75 1.14
C TYR A 92 0.98 7.22 0.42
N ILE A 93 0.67 6.55 -0.67
CA ILE A 93 -0.69 6.51 -1.22
C ILE A 93 -1.13 5.07 -1.19
N ALA A 94 -2.29 4.81 -0.58
CA ALA A 94 -2.89 3.49 -0.53
C ALA A 94 -4.08 3.49 -1.46
N THR A 95 -4.14 2.51 -2.37
CA THR A 95 -5.21 2.51 -3.38
C THR A 95 -5.68 1.08 -3.61
N GLN A 96 -6.90 0.97 -4.13
CA GLN A 96 -7.48 -0.32 -4.51
C GLN A 96 -6.80 -0.83 -5.78
N GLY A 97 -7.07 -2.10 -6.10
CA GLY A 97 -6.60 -2.64 -7.35
C GLY A 97 -7.36 -2.00 -8.50
N PRO A 98 -6.65 -1.45 -9.51
CA PRO A 98 -7.32 -0.85 -10.64
C PRO A 98 -8.37 -1.72 -11.35
N LEU A 99 -9.43 -1.09 -11.80
CA LEU A 99 -10.47 -1.71 -12.62
C LEU A 99 -10.19 -1.38 -14.08
N GLN A 100 -10.86 -2.11 -14.99
CA GLN A 100 -10.62 -1.86 -16.40
C GLN A 100 -10.87 -0.39 -16.74
N ASN A 101 -11.87 0.22 -16.07
CA ASN A 101 -12.28 1.59 -16.33
C ASN A 101 -11.55 2.63 -15.48
N THR A 102 -10.66 2.23 -14.57
CA THR A 102 -9.88 3.20 -13.79
C THR A 102 -8.38 3.12 -14.11
N CYS A 103 -8.01 2.47 -15.22
CA CYS A 103 -6.58 2.42 -15.59
C CYS A 103 -6.03 3.80 -15.92
N GLN A 104 -6.80 4.61 -16.67
CA GLN A 104 -6.31 5.95 -16.98
C GLN A 104 -6.20 6.80 -15.72
N ASP A 105 -7.19 6.68 -14.82
CA ASP A 105 -7.14 7.36 -13.52
C ASP A 105 -5.91 6.96 -12.74
N PHE A 106 -5.64 5.65 -12.69
CA PHE A 106 -4.51 5.14 -11.93
C PHE A 106 -3.20 5.70 -12.47
N TRP A 107 -3.02 5.70 -13.79
CA TRP A 107 -1.77 6.19 -14.34
C TRP A 107 -1.68 7.71 -14.25
N GLN A 108 -2.83 8.41 -14.30
CA GLN A 108 -2.82 9.85 -14.06
C GLN A 108 -2.33 10.16 -12.66
N MET A 109 -2.78 9.37 -11.69
CA MET A 109 -2.31 9.54 -10.32
C MET A 109 -0.82 9.25 -10.19
N VAL A 110 -0.35 8.17 -10.83
CA VAL A 110 1.08 7.85 -10.81
C VAL A 110 1.90 9.02 -11.35
N TRP A 111 1.48 9.56 -12.49
CA TRP A 111 2.19 10.68 -13.11
C TRP A 111 2.14 11.94 -12.23
N GLU A 112 0.94 12.36 -11.84
CA GLU A 112 0.79 13.65 -11.17
C GLU A 112 1.44 13.65 -9.80
N GLN A 113 1.37 12.53 -9.09
CA GLN A 113 1.96 12.43 -7.76
C GLN A 113 3.45 12.09 -7.78
N GLY A 114 4.07 11.97 -8.95
CA GLY A 114 5.50 11.74 -9.01
C GLY A 114 5.93 10.35 -8.62
N ILE A 115 5.02 9.38 -8.66
CA ILE A 115 5.29 8.06 -8.10
C ILE A 115 6.39 7.36 -8.89
N ALA A 116 7.33 6.75 -8.16
CA ALA A 116 8.43 5.99 -8.74
C ALA A 116 8.37 4.52 -8.42
N ILE A 117 7.62 4.12 -7.38
CA ILE A 117 7.56 2.74 -6.94
C ILE A 117 6.09 2.36 -6.69
N ILE A 118 5.68 1.22 -7.26
CA ILE A 118 4.38 0.61 -6.99
C ILE A 118 4.62 -0.66 -6.20
N ALA A 119 4.03 -0.75 -5.00
CA ALA A 119 4.08 -1.96 -4.19
C ALA A 119 2.72 -2.65 -4.31
N MET A 120 2.68 -3.69 -5.15
CA MET A 120 1.42 -4.41 -5.42
C MET A 120 1.39 -5.65 -4.53
N VAL A 121 0.45 -5.68 -3.59
CA VAL A 121 0.34 -6.87 -2.75
C VAL A 121 -1.02 -7.55 -2.96
N THR A 122 -1.35 -7.85 -4.20
CA THR A 122 -2.41 -8.79 -4.53
C THR A 122 -1.99 -9.54 -5.78
N ALA A 123 -2.56 -10.70 -5.97
CA ALA A 123 -2.54 -11.30 -7.30
C ALA A 123 -3.59 -10.63 -8.18
N GLU A 124 -3.43 -10.76 -9.50
CA GLU A 124 -4.46 -10.27 -10.40
C GLU A 124 -5.77 -11.04 -10.23
N GLU A 125 -5.66 -12.35 -10.08
CA GLU A 125 -6.86 -13.20 -9.99
C GLU A 125 -6.70 -14.16 -8.82
N GLU A 126 -7.78 -14.36 -8.06
CA GLU A 126 -7.74 -15.26 -6.91
C GLU A 126 -9.13 -15.87 -6.77
N GLY A 127 -9.19 -17.19 -6.66
CA GLY A 127 -10.47 -17.88 -6.52
C GLY A 127 -11.43 -17.66 -7.66
N GLY A 128 -10.91 -17.41 -8.86
CA GLY A 128 -11.75 -17.16 -10.02
C GLY A 128 -12.26 -15.74 -10.14
N ARG A 129 -11.80 -14.83 -9.29
CA ARG A 129 -12.28 -13.46 -9.25
C ARG A 129 -11.15 -12.53 -9.62
N GLU A 130 -11.46 -11.46 -10.37
CA GLU A 130 -10.50 -10.39 -10.58
C GLU A 130 -10.27 -9.64 -9.27
N LYS A 131 -9.02 -9.57 -8.82
CA LYS A 131 -8.64 -8.75 -7.68
C LYS A 131 -7.91 -7.48 -8.10
N SER A 132 -7.25 -7.51 -9.26
CA SER A 132 -6.68 -6.31 -9.87
C SER A 132 -6.71 -6.48 -11.38
N PHE A 133 -7.19 -5.47 -12.08
CA PHE A 133 -7.05 -5.48 -13.53
C PHE A 133 -5.57 -5.46 -13.91
N ARG A 134 -5.25 -6.01 -15.10
CA ARG A 134 -3.85 -5.99 -15.55
C ARG A 134 -3.60 -4.63 -16.21
N TYR A 135 -3.26 -3.64 -15.38
CA TYR A 135 -3.12 -2.23 -15.84
C TYR A 135 -1.74 -1.94 -16.43
N TRP A 136 -0.82 -2.90 -16.38
CA TRP A 136 0.47 -2.74 -17.01
C TRP A 136 0.67 -3.88 -18.02
N PRO A 137 1.43 -3.64 -19.08
CA PRO A 137 1.46 -4.63 -20.17
C PRO A 137 2.18 -5.91 -19.79
N ARG A 138 1.75 -6.99 -20.47
CA ARG A 138 2.35 -8.30 -20.34
C ARG A 138 3.49 -8.42 -21.37
N LEU A 139 4.63 -8.94 -20.95
CA LEU A 139 5.80 -9.04 -21.88
C LEU A 139 5.48 -10.11 -22.94
N GLY A 140 5.88 -9.88 -24.18
CA GLY A 140 5.56 -10.82 -25.27
C GLY A 140 4.18 -10.58 -25.84
N ASN A 144 4.83 -5.01 -26.02
CA ASN A 144 5.02 -4.84 -24.57
C ASN A 144 4.59 -3.45 -24.10
N THR A 145 3.66 -2.81 -24.81
CA THR A 145 3.24 -1.46 -24.47
C THR A 145 1.72 -1.36 -24.49
N VAL A 146 1.21 -0.39 -23.73
CA VAL A 146 -0.22 -0.07 -23.70
C VAL A 146 -0.35 1.43 -23.51
N THR A 147 -1.46 1.99 -24.02
CA THR A 147 -1.75 3.40 -23.87
C THR A 147 -3.08 3.56 -23.16
N TYR A 148 -3.10 4.38 -22.12
CA TYR A 148 -4.32 4.76 -21.40
C TYR A 148 -4.40 6.28 -21.48
N GLY A 149 -5.22 6.77 -22.40
CA GLY A 149 -5.37 8.21 -22.58
C GLY A 149 -4.09 8.87 -23.06
N ARG A 150 -3.48 9.68 -22.21
CA ARG A 150 -2.27 10.41 -22.57
C ARG A 150 -1.01 9.73 -22.04
N PHE A 151 -1.14 8.55 -21.46
CA PHE A 151 -0.01 7.84 -20.85
C PHE A 151 0.24 6.53 -21.61
N LYS A 152 1.47 6.36 -22.06
CA LYS A 152 1.94 5.12 -22.68
C LYS A 152 2.85 4.40 -21.70
N ILE A 153 2.54 3.14 -21.41
CA ILE A 153 3.31 2.34 -20.46
C ILE A 153 3.94 1.20 -21.24
N THR A 154 5.23 0.98 -21.00
CA THR A 154 5.99 -0.09 -21.64
C THR A 154 6.63 -0.96 -20.57
N THR A 155 6.49 -2.28 -20.70
CA THR A 155 7.14 -3.20 -19.77
C THR A 155 8.49 -3.59 -20.34
N ARG A 156 9.55 -3.27 -19.60
CA ARG A 156 10.93 -3.55 -20.08
C ARG A 156 11.32 -4.98 -19.70
N PHE A 157 11.19 -5.34 -18.43
CA PHE A 157 11.67 -6.66 -17.99
C PHE A 157 10.94 -7.02 -16.71
N ARG A 158 10.94 -8.31 -16.40
CA ARG A 158 10.41 -8.76 -15.12
C ARG A 158 11.40 -9.76 -14.56
N THR A 159 11.78 -9.59 -13.30
CA THR A 159 12.74 -10.49 -12.68
C THR A 159 12.14 -11.01 -11.38
N ASP A 160 12.15 -12.33 -11.23
CA ASP A 160 11.48 -13.02 -10.14
C ASP A 160 12.47 -13.26 -9.00
N SER A 161 12.09 -12.88 -7.78
CA SER A 161 12.91 -13.10 -6.59
C SER A 161 12.22 -14.05 -5.62
N GLY A 162 11.56 -15.08 -6.16
CA GLY A 162 10.90 -16.06 -5.31
C GLY A 162 9.55 -15.61 -4.79
N CYS A 163 9.55 -14.85 -3.70
CA CYS A 163 8.31 -14.45 -3.06
C CYS A 163 7.72 -13.21 -3.71
N TYR A 164 8.51 -12.48 -4.48
CA TYR A 164 8.04 -11.27 -5.14
C TYR A 164 8.80 -11.12 -6.45
N ALA A 165 8.27 -10.27 -7.32
CA ALA A 165 8.89 -10.02 -8.62
C ALA A 165 8.97 -8.53 -8.85
N THR A 166 10.03 -8.10 -9.52
CA THR A 166 10.28 -6.70 -9.84
C THR A 166 10.12 -6.53 -11.34
N THR A 167 9.28 -5.59 -11.75
CA THR A 167 9.08 -5.25 -13.16
C THR A 167 9.52 -3.81 -13.41
N GLY A 168 10.36 -3.62 -14.42
CA GLY A 168 10.75 -2.28 -14.83
C GLY A 168 9.76 -1.74 -15.83
N LEU A 169 9.12 -0.62 -15.52
CA LEU A 169 8.18 0.02 -16.41
C LEU A 169 8.73 1.35 -16.88
N LYS A 170 8.41 1.70 -18.13
CA LYS A 170 8.61 3.04 -18.64
C LYS A 170 7.24 3.66 -18.89
N MET A 171 7.07 4.88 -18.38
CA MET A 171 5.81 5.61 -18.56
C MET A 171 6.13 6.86 -19.38
N LYS A 172 5.37 7.12 -20.43
CA LYS A 172 5.62 8.26 -21.29
C LYS A 172 4.37 9.12 -21.42
N HIS A 173 4.53 10.43 -21.23
CA HIS A 173 3.43 11.37 -21.44
C HIS A 173 3.34 11.71 -22.93
N LEU A 174 2.22 11.35 -23.54
CA LEU A 174 2.12 11.42 -24.99
C LEU A 174 1.99 12.84 -25.54
N LEU A 175 1.74 13.84 -24.69
CA LEU A 175 1.60 15.22 -25.13
C LEU A 175 2.84 16.06 -24.86
N THR A 176 3.68 15.67 -23.89
CA THR A 176 4.95 16.34 -23.66
C THR A 176 6.16 15.56 -24.11
N GLY A 177 6.03 14.24 -24.25
CA GLY A 177 7.15 13.39 -24.53
C GLY A 177 7.98 13.00 -23.33
N GLN A 178 7.72 13.58 -22.16
CA GLN A 178 8.47 13.22 -20.96
C GLN A 178 8.27 11.74 -20.63
N GLU A 179 9.32 11.14 -20.05
CA GLU A 179 9.33 9.73 -19.69
C GLU A 179 9.80 9.58 -18.26
N ARG A 180 9.32 8.54 -17.59
CA ARG A 180 9.79 8.23 -16.25
C ARG A 180 9.80 6.72 -16.08
N THR A 181 10.76 6.24 -15.29
CA THR A 181 10.80 4.84 -14.90
C THR A 181 10.00 4.65 -13.62
N VAL A 182 9.18 3.60 -13.61
CA VAL A 182 8.41 3.18 -12.44
C VAL A 182 8.80 1.74 -12.12
N TRP A 183 9.17 1.49 -10.89
CA TRP A 183 9.50 0.14 -10.43
C TRP A 183 8.25 -0.49 -9.82
N HIS A 184 7.87 -1.65 -10.34
CA HIS A 184 6.69 -2.39 -9.92
C HIS A 184 7.15 -3.61 -9.14
N LEU A 185 6.88 -3.63 -7.83
CA LEU A 185 7.30 -4.70 -6.92
C LEU A 185 6.04 -5.42 -6.50
N GLN A 186 5.87 -6.65 -7.02
CA GLN A 186 4.62 -7.41 -6.76
C GLN A 186 4.87 -8.64 -5.89
N TYR A 187 4.26 -8.67 -4.71
CA TYR A 187 4.29 -9.87 -3.88
C TYR A 187 3.29 -10.87 -4.44
N THR A 188 3.74 -12.07 -4.78
CA THR A 188 2.87 -12.89 -5.62
C THR A 188 2.02 -13.92 -4.89
N ASP A 189 2.42 -14.41 -3.71
CA ASP A 189 1.64 -15.41 -2.97
C ASP A 189 1.17 -14.82 -1.64
N TRP A 190 0.03 -14.12 -1.67
CA TRP A 190 -0.54 -13.49 -0.48
C TRP A 190 -2.06 -13.53 -0.59
N PRO A 191 -2.70 -14.52 0.02
CA PRO A 191 -4.17 -14.63 -0.10
C PRO A 191 -4.86 -13.44 0.54
N GLU A 192 -5.95 -13.00 -0.09
CA GLU A 192 -6.71 -11.90 0.48
C GLU A 192 -7.28 -12.31 1.83
N HIS A 193 -7.26 -11.37 2.77
CA HIS A 193 -7.70 -11.53 4.16
C HIS A 193 -6.77 -12.41 4.96
N GLY A 194 -5.65 -12.83 4.37
CA GLY A 194 -4.72 -13.69 5.08
C GLY A 194 -3.35 -13.06 5.21
N CYS A 195 -2.35 -13.89 5.36
CA CYS A 195 -0.97 -13.52 5.62
C CYS A 195 -0.09 -14.00 4.48
N PRO A 196 1.07 -13.38 4.29
CA PRO A 196 2.05 -13.94 3.35
C PRO A 196 2.43 -15.34 3.78
N GLU A 197 2.67 -16.19 2.79
CA GLU A 197 3.00 -17.58 3.08
C GLU A 197 4.38 -17.71 3.71
N ASP A 198 5.31 -16.84 3.33
CA ASP A 198 6.71 -16.92 3.75
C ASP A 198 7.04 -15.64 4.51
N LEU A 199 7.20 -15.75 5.83
CA LEU A 199 7.48 -14.56 6.62
C LEU A 199 8.80 -13.93 6.21
N LYS A 200 9.86 -14.74 6.07
CA LYS A 200 11.15 -14.19 5.67
C LYS A 200 11.11 -13.64 4.26
N GLY A 201 10.31 -14.21 3.38
CA GLY A 201 10.14 -13.62 2.06
C GLY A 201 9.49 -12.26 2.12
N PHE A 202 8.54 -12.09 3.04
CA PHE A 202 7.94 -10.77 3.21
C PHE A 202 8.96 -9.76 3.71
N LEU A 203 9.83 -10.18 4.64
CA LEU A 203 10.86 -9.26 5.11
C LEU A 203 11.80 -8.86 3.98
N SER A 204 12.09 -9.79 3.06
CA SER A 204 12.96 -9.45 1.93
C SER A 204 12.25 -8.53 0.94
N TYR A 205 10.92 -8.64 0.86
CA TYR A 205 10.11 -7.70 0.07
C TYR A 205 10.15 -6.31 0.68
N LEU A 206 9.96 -6.21 1.98
CA LEU A 206 10.09 -4.92 2.67
C LEU A 206 11.50 -4.35 2.47
N GLU A 207 12.51 -5.22 2.50
CA GLU A 207 13.88 -4.75 2.35
C GLU A 207 14.10 -4.16 0.96
N GLU A 208 13.47 -4.77 -0.04
CA GLU A 208 13.64 -4.27 -1.40
C GLU A 208 12.90 -2.95 -1.60
N ILE A 209 11.71 -2.81 -1.01
CA ILE A 209 11.00 -1.53 -1.07
C ILE A 209 11.83 -0.44 -0.42
N GLN A 210 12.37 -0.72 0.76
CA GLN A 210 13.21 0.23 1.48
C GLN A 210 14.42 0.63 0.65
N SER A 211 15.06 -0.34 0.01
CA SER A 211 16.26 -0.05 -0.76
C SER A 211 15.93 0.81 -1.96
N VAL A 212 14.92 0.41 -2.74
CA VAL A 212 14.66 1.13 -3.98
C VAL A 212 14.15 2.54 -3.68
N ARG A 213 13.32 2.71 -2.65
CA ARG A 213 12.94 4.07 -2.26
C ARG A 213 14.15 4.92 -1.92
N ARG A 214 15.06 4.41 -1.08
CA ARG A 214 16.25 5.15 -0.70
C ARG A 214 17.07 5.61 -1.91
N HIS A 215 17.33 4.69 -2.82
CA HIS A 215 18.22 4.97 -3.93
C HIS A 215 17.57 5.83 -5.00
N THR A 216 16.27 5.64 -5.27
CA THR A 216 15.61 6.55 -6.22
C THR A 216 15.48 7.97 -5.65
N ASN A 217 15.26 8.08 -4.33
CA ASN A 217 15.29 9.40 -3.69
C ASN A 217 16.66 10.07 -3.83
N SER A 218 17.74 9.29 -3.68
CA SER A 218 19.09 9.86 -3.77
C SER A 218 19.39 10.41 -5.16
N THR A 219 18.76 9.86 -6.21
CA THR A 219 19.02 10.33 -7.56
C THR A 219 18.03 11.39 -8.03
N PRO A 225 11.78 17.09 -3.51
CA PRO A 225 10.50 16.51 -3.06
C PRO A 225 10.40 15.01 -3.38
N ASN A 226 10.59 14.15 -2.38
CA ASN A 226 10.49 12.72 -2.64
C ASN A 226 9.02 12.31 -2.75
N PRO A 227 8.69 11.41 -3.66
CA PRO A 227 7.28 11.05 -3.87
C PRO A 227 6.80 10.03 -2.85
N PRO A 228 5.49 9.94 -2.64
CA PRO A 228 4.96 8.83 -1.82
C PRO A 228 5.21 7.48 -2.48
N LEU A 229 5.33 6.46 -1.64
CA LEU A 229 5.26 5.08 -2.10
C LEU A 229 3.80 4.75 -2.39
N LEU A 230 3.53 4.19 -3.57
CA LEU A 230 2.19 3.74 -3.92
C LEU A 230 2.03 2.26 -3.53
N VAL A 231 1.10 1.98 -2.62
CA VAL A 231 0.83 0.60 -2.18
C VAL A 231 -0.60 0.27 -2.59
N HIS A 232 -0.80 -0.90 -3.19
CA HIS A 232 -2.16 -1.30 -3.54
C HIS A 232 -2.36 -2.79 -3.40
N SER A 233 -3.59 -3.15 -3.02
CA SER A 233 -4.01 -4.55 -3.01
C SER A 233 -5.23 -4.67 -3.90
N SER A 234 -6.26 -5.40 -3.46
CA SER A 234 -7.51 -5.39 -4.20
C SER A 234 -8.44 -4.34 -3.62
N ALA A 235 -8.79 -4.47 -2.33
CA ALA A 235 -9.57 -3.45 -1.65
C ALA A 235 -8.75 -2.22 -1.29
N GLY A 236 -7.43 -2.35 -1.21
CA GLY A 236 -6.55 -1.27 -0.80
C GLY A 236 -6.51 -1.01 0.69
N VAL A 237 -6.84 -1.98 1.53
CA VAL A 237 -6.87 -1.73 2.97
C VAL A 237 -6.21 -2.86 3.75
N GLY A 238 -6.42 -4.11 3.32
CA GLY A 238 -5.97 -5.22 4.16
C GLY A 238 -4.49 -5.48 4.06
N ARG A 239 -4.10 -6.07 2.94
CA ARG A 239 -2.69 -6.35 2.72
C ARG A 239 -1.91 -5.08 2.55
N THR A 240 -2.55 -4.03 2.00
CA THR A 240 -1.96 -2.69 1.97
C THR A 240 -1.64 -2.22 3.39
N GLY A 241 -2.56 -2.43 4.33
CA GLY A 241 -2.31 -2.01 5.69
C GLY A 241 -1.16 -2.77 6.33
N VAL A 242 -1.07 -4.08 6.06
CA VAL A 242 0.03 -4.88 6.59
C VAL A 242 1.36 -4.30 6.13
N VAL A 243 1.47 -3.94 4.86
CA VAL A 243 2.73 -3.39 4.37
C VAL A 243 3.07 -2.10 5.12
N ILE A 244 2.11 -1.18 5.21
CA ILE A 244 2.40 0.13 5.78
C ILE A 244 2.70 0.03 7.28
N LEU A 245 1.86 -0.70 8.01
CA LEU A 245 2.09 -0.80 9.45
C LEU A 245 3.42 -1.51 9.73
N SER A 246 3.76 -2.53 8.94
CA SER A 246 5.03 -3.24 9.14
C SER A 246 6.22 -2.31 8.91
N GLU A 247 6.22 -1.58 7.81
CA GLU A 247 7.35 -0.72 7.52
C GLU A 247 7.51 0.36 8.58
N ILE A 248 6.39 0.93 9.05
CA ILE A 248 6.46 1.95 10.08
C ILE A 248 7.00 1.37 11.39
N MET A 249 6.42 0.25 11.84
CA MET A 249 6.84 -0.35 13.10
C MET A 249 8.30 -0.80 13.07
N ILE A 250 8.77 -1.30 11.92
CA ILE A 250 10.17 -1.71 11.81
C ILE A 250 11.09 -0.51 12.02
N ALA A 251 10.72 0.63 11.44
CA ALA A 251 11.49 1.85 11.59
C ALA A 251 11.47 2.34 13.05
N CYS A 252 10.39 2.05 13.78
CA CYS A 252 10.31 2.43 15.19
C CYS A 252 11.33 1.69 16.04
N LEU A 253 11.79 0.52 15.59
CA LEU A 253 12.68 -0.33 16.38
C LEU A 253 14.05 0.26 16.63
N GLU A 254 14.41 1.37 15.97
CA GLU A 254 15.73 1.93 16.18
C GLU A 254 15.74 3.18 17.08
N HIS A 255 14.59 3.62 17.60
CA HIS A 255 14.46 4.94 18.20
C HIS A 255 14.22 4.96 19.71
N ASN A 256 14.43 3.83 20.41
CA ASN A 256 14.32 3.79 21.90
C ASN A 256 12.90 4.10 22.41
N GLU A 257 12.16 4.99 21.73
CA GLU A 257 10.80 5.33 22.11
C GLU A 257 9.93 4.09 22.28
N VAL A 258 8.95 4.17 23.18
CA VAL A 258 8.13 3.00 23.50
C VAL A 258 7.26 2.62 22.31
N LEU A 259 7.25 1.33 21.98
CA LEU A 259 6.46 0.84 20.86
C LEU A 259 4.98 0.88 21.20
N ASP A 260 4.15 1.24 20.22
CA ASP A 260 2.72 1.33 20.49
C ASP A 260 2.00 1.03 19.17
N ILE A 261 2.00 -0.27 18.81
CA ILE A 261 1.40 -0.70 17.54
C ILE A 261 -0.06 -0.26 17.41
N PRO A 262 -0.93 -0.42 18.41
CA PRO A 262 -2.32 0.00 18.20
C PRO A 262 -2.46 1.49 18.07
N ARG A 263 -1.62 2.28 18.74
CA ARG A 263 -1.58 3.72 18.50
C ARG A 263 -1.29 4.01 17.03
N VAL A 264 -0.27 3.37 16.47
CA VAL A 264 0.09 3.59 15.07
C VAL A 264 -1.05 3.15 14.14
N LEU A 265 -1.64 1.98 14.39
CA LEU A 265 -2.70 1.55 13.49
C LEU A 265 -3.89 2.48 13.57
N ASP A 266 -4.22 2.96 14.78
CA ASP A 266 -5.28 3.96 14.89
C ASP A 266 -4.95 5.21 14.08
N MET A 267 -3.71 5.70 14.15
CA MET A 267 -3.34 6.87 13.35
C MET A 267 -3.51 6.58 11.86
N LEU A 268 -3.15 5.37 11.44
CA LEU A 268 -3.25 5.04 10.03
C LEU A 268 -4.72 5.00 9.57
N ARG A 269 -5.59 4.46 10.41
CA ARG A 269 -6.99 4.35 10.02
C ARG A 269 -7.67 5.71 10.02
N GLN A 270 -7.07 6.71 10.65
CA GLN A 270 -7.56 8.08 10.52
C GLN A 270 -7.28 8.66 9.14
N GLN A 271 -6.34 8.09 8.38
CA GLN A 271 -6.07 8.48 6.99
C GLN A 271 -6.77 7.60 5.97
N ARG A 272 -6.86 6.30 6.20
CA ARG A 272 -7.67 5.42 5.35
C ARG A 272 -8.30 4.35 6.22
N MET A 273 -9.62 4.20 6.10
CA MET A 273 -10.41 3.29 6.93
C MET A 273 -9.99 1.84 6.72
N MET A 274 -10.16 1.02 7.75
CA MET A 274 -10.07 -0.44 7.70
C MET A 274 -8.69 -1.03 7.47
N LEU A 275 -7.63 -0.22 7.46
CA LEU A 275 -6.25 -0.76 7.29
C LEU A 275 -6.00 -1.98 8.18
N VAL A 276 -5.51 -3.10 7.63
CA VAL A 276 -5.33 -4.38 8.40
C VAL A 276 -6.73 -4.95 8.70
N GLN A 277 -7.28 -5.73 7.77
CA GLN A 277 -8.66 -6.27 7.92
C GLN A 277 -8.84 -7.37 8.98
N THR A 278 -7.84 -8.25 9.15
CA THR A 278 -8.08 -9.42 10.03
C THR A 278 -7.10 -9.53 11.20
N LEU A 279 -7.46 -10.34 12.19
CA LEU A 279 -6.57 -10.60 13.35
C LEU A 279 -5.30 -11.28 12.84
N CYS A 280 -5.40 -12.22 11.90
CA CYS A 280 -4.19 -12.94 11.45
C CYS A 280 -3.22 -11.94 10.82
N GLN A 281 -3.74 -10.95 10.10
CA GLN A 281 -2.88 -9.90 9.49
C GLN A 281 -2.19 -9.09 10.59
N TYR A 282 -2.93 -8.76 11.65
CA TYR A 282 -2.35 -7.96 12.76
C TYR A 282 -1.37 -8.83 13.54
N THR A 283 -1.72 -10.08 13.79
CA THR A 283 -0.75 -10.94 14.47
C THR A 283 0.45 -11.21 13.58
N PHE A 284 0.25 -11.18 12.25
CA PHE A 284 1.39 -11.32 11.37
C PHE A 284 2.38 -10.18 11.57
N VAL A 285 1.88 -8.95 11.80
CA VAL A 285 2.79 -7.83 12.03
C VAL A 285 3.62 -8.06 13.28
N TYR A 286 3.03 -8.67 14.32
CA TYR A 286 3.80 -9.04 15.50
C TYR A 286 4.90 -10.03 15.14
N ARG A 287 4.55 -11.05 14.37
CA ARG A 287 5.52 -12.06 13.96
C ARG A 287 6.65 -11.44 13.14
N VAL A 288 6.31 -10.47 12.28
CA VAL A 288 7.31 -9.76 11.47
C VAL A 288 8.30 -9.03 12.38
N LEU A 289 7.78 -8.27 13.34
CA LEU A 289 8.63 -7.52 14.26
C LEU A 289 9.49 -8.46 15.09
N ILE A 290 8.92 -9.58 15.54
CA ILE A 290 9.70 -10.50 16.36
C ILE A 290 10.87 -11.05 15.56
N GLN A 291 10.60 -11.48 14.33
CA GLN A 291 11.65 -12.03 13.49
C GLN A 291 12.67 -10.97 13.11
N PHE A 292 12.21 -9.75 12.83
CA PHE A 292 13.18 -8.67 12.58
C PHE A 292 14.08 -8.46 13.80
N LEU A 293 13.50 -8.44 15.00
CA LEU A 293 14.32 -8.25 16.19
C LEU A 293 15.16 -9.48 16.50
N LYS A 294 14.66 -10.67 16.15
CA LYS A 294 15.43 -11.88 16.36
C LYS A 294 16.68 -11.93 15.50
N SER A 295 16.72 -11.17 14.41
CA SER A 295 17.89 -11.16 13.54
C SER A 295 18.74 -9.90 13.67
N SER A 296 18.38 -8.98 14.56
CA SER A 296 19.18 -7.78 14.80
C SER A 296 20.41 -8.11 15.65
#